data_5B5S
#
_entry.id   5B5S
#
_cell.length_a   70.905
_cell.length_b   70.905
_cell.length_c   87.093
_cell.angle_alpha   90.00
_cell.angle_beta   90.00
_cell.angle_gamma   90.00
#
_symmetry.space_group_name_H-M   'P 41 21 2'
#
loop_
_entity.id
_entity.type
_entity.pdbx_description
1 polymer 'Acetic acid'
2 non-polymer 'octyl beta-D-glucopyranoside'
3 non-polymer 'CALCIUM ION'
4 non-polymer GLYCEROL
5 non-polymer 'SULFITE ION'
6 water water
#
_entity_poly.entity_id   1
_entity_poly.type   'polypeptide(L)'
_entity_poly.pdbx_seq_one_letter_code
;MVKVMLLGDSITEITCWRPLVWEQITSAGLAGSVDFVGSMNDLQPNCSRPQGFDPDHEGHSGWQAYDIARNNIAGWVQNT
KPDIVQFMLGTNDVNIGHRNADSIIGSYTIMLNAMRAANPRVKVIVDKIIPTSWSDATIEAVNTAIPGWVQQQTTAESPV
VIADCSRAAGFTNDMLRDDGVHPNSKGDQFIAGQIGPKLIQLIKDVS
;
_entity_poly.pdbx_strand_id   A
#
# COMPACT_ATOMS: atom_id res chain seq x y z
N MET A 1 -5.38 -20.34 -2.34
CA MET A 1 -4.67 -19.22 -2.89
C MET A 1 -4.20 -18.29 -1.77
N VAL A 2 -3.14 -17.58 -2.04
CA VAL A 2 -2.68 -16.56 -1.11
C VAL A 2 -3.49 -15.30 -1.33
N LYS A 3 -4.11 -14.81 -0.26
CA LYS A 3 -4.93 -13.61 -0.30
C LYS A 3 -4.18 -12.38 0.07
N VAL A 4 -4.18 -11.43 -0.90
CA VAL A 4 -3.42 -10.19 -0.74
C VAL A 4 -4.36 -8.99 -0.81
N MET A 5 -4.30 -8.09 0.17
CA MET A 5 -5.13 -6.87 0.14
C MET A 5 -4.22 -5.70 -0.13
N LEU A 6 -4.55 -4.94 -1.18
CA LEU A 6 -3.85 -3.71 -1.55
C LEU A 6 -4.64 -2.57 -1.06
N LEU A 7 -4.22 -2.11 0.10
CA LEU A 7 -4.98 -1.11 0.89
C LEU A 7 -4.41 0.26 0.65
N GLY A 8 -5.28 1.26 0.45
CA GLY A 8 -4.71 2.59 0.29
C GLY A 8 -5.70 3.63 -0.06
N ASP A 9 -5.21 4.73 -0.62
CA ASP A 9 -6.07 5.85 -1.01
C ASP A 9 -6.03 5.99 -2.51
N SER A 10 -6.08 7.22 -3.03
CA SER A 10 -6.11 7.38 -4.50
C SER A 10 -4.86 6.89 -5.20
N ILE A 11 -3.77 6.84 -4.48
CA ILE A 11 -2.49 6.32 -5.02
C ILE A 11 -2.56 4.84 -5.25
N THR A 12 -3.58 4.23 -4.68
CA THR A 12 -3.89 2.82 -4.97
C THR A 12 -5.07 2.74 -5.93
N GLU A 13 -6.12 3.54 -5.73
CA GLU A 13 -7.33 3.36 -6.50
C GLU A 13 -7.20 3.75 -8.00
N ILE A 14 -6.65 4.92 -8.23
CA ILE A 14 -6.73 5.51 -9.55
C ILE A 14 -5.42 5.51 -10.41
N THR A 15 -4.50 4.69 -9.99
CA THR A 15 -3.23 4.54 -10.57
C THR A 15 -3.09 3.18 -11.27
N CYS A 16 -1.92 2.95 -11.90
CA CYS A 16 -1.72 1.77 -12.74
C CYS A 16 -0.63 0.84 -12.27
N TRP A 17 -0.12 1.07 -11.10
CA TRP A 17 0.89 0.16 -10.61
C TRP A 17 0.39 -1.21 -10.26
N ARG A 18 -0.89 -1.32 -9.91
CA ARG A 18 -1.41 -2.63 -9.52
C ARG A 18 -1.32 -3.66 -10.73
N PRO A 19 -1.74 -3.26 -11.97
CA PRO A 19 -1.49 -4.12 -13.12
C PRO A 19 -0.04 -4.47 -13.29
N LEU A 20 0.89 -3.58 -13.00
CA LEU A 20 2.28 -3.95 -13.18
C LEU A 20 2.70 -4.96 -12.19
N VAL A 21 2.24 -4.82 -10.96
CA VAL A 21 2.51 -5.81 -9.97
C VAL A 21 1.89 -7.13 -10.33
N TRP A 22 0.66 -7.12 -10.84
CA TRP A 22 0.03 -8.39 -11.22
C TRP A 22 0.91 -9.09 -12.33
N GLU A 23 1.39 -8.32 -13.31
CA GLU A 23 2.30 -8.85 -14.35
C GLU A 23 3.50 -9.53 -13.79
N GLN A 24 4.13 -8.88 -12.83
CA GLN A 24 5.23 -9.47 -12.15
C GLN A 24 4.88 -10.78 -11.50
N ILE A 25 3.72 -10.82 -10.87
CA ILE A 25 3.25 -12.09 -10.20
C ILE A 25 3.08 -13.22 -11.28
N THR A 26 2.53 -12.81 -12.42
CA THR A 26 2.24 -13.67 -13.51
C THR A 26 3.57 -14.22 -14.02
N SER A 27 4.53 -13.32 -14.25
CA SER A 27 5.83 -13.67 -14.80
C SER A 27 6.52 -14.64 -13.85
N ALA A 28 6.30 -14.44 -12.53
CA ALA A 28 6.91 -15.32 -11.51
C ALA A 28 6.18 -16.64 -11.50
N GLY A 29 5.15 -16.87 -12.32
CA GLY A 29 4.40 -18.14 -12.29
C GLY A 29 3.44 -18.26 -11.13
N LEU A 30 2.98 -17.14 -10.61
CA LEU A 30 2.13 -17.18 -9.40
C LEU A 30 0.69 -16.72 -9.57
N ALA A 31 0.27 -16.40 -10.79
CA ALA A 31 -1.03 -15.83 -10.99
C ALA A 31 -2.13 -16.79 -10.53
N GLY A 32 -1.88 -18.06 -10.62
CA GLY A 32 -2.91 -19.05 -10.17
C GLY A 32 -2.93 -19.32 -8.66
N SER A 33 -1.94 -18.80 -7.98
CA SER A 33 -1.76 -18.97 -6.58
C SER A 33 -2.16 -17.75 -5.76
N VAL A 34 -2.53 -16.62 -6.37
CA VAL A 34 -2.70 -15.35 -5.73
C VAL A 34 -4.09 -14.86 -6.05
N ASP A 35 -4.77 -14.46 -4.99
CA ASP A 35 -6.08 -13.77 -5.11
C ASP A 35 -5.96 -12.38 -4.44
N PHE A 36 -6.00 -11.30 -5.25
CA PHE A 36 -6.12 -9.96 -4.69
C PHE A 36 -7.59 -9.78 -4.20
N VAL A 37 -7.72 -9.30 -2.98
CA VAL A 37 -9.00 -9.16 -2.29
C VAL A 37 -9.18 -7.68 -1.82
N GLY A 38 -10.46 -7.33 -1.67
CA GLY A 38 -10.84 -6.05 -1.21
C GLY A 38 -12.14 -5.63 -1.83
N SER A 39 -12.73 -4.60 -1.23
CA SER A 39 -14.10 -4.22 -1.54
C SER A 39 -14.29 -3.52 -2.86
N MET A 40 -13.21 -3.02 -3.43
CA MET A 40 -13.23 -2.21 -4.65
C MET A 40 -12.75 -3.00 -5.84
N ASN A 41 -13.10 -2.57 -7.02
CA ASN A 41 -12.53 -3.21 -8.17
C ASN A 41 -12.36 -2.35 -9.40
N ASP A 42 -12.47 -1.03 -9.21
CA ASP A 42 -12.23 -0.09 -10.30
C ASP A 42 -10.74 -0.05 -10.72
N LEU A 43 -10.58 0.18 -12.01
CA LEU A 43 -9.30 0.45 -12.66
C LEU A 43 -9.50 1.51 -13.76
N GLN A 44 -8.60 2.51 -13.80
CA GLN A 44 -8.73 3.55 -14.80
C GLN A 44 -8.54 2.98 -16.19
N PRO A 45 -9.34 3.48 -17.14
CA PRO A 45 -9.33 2.87 -18.48
C PRO A 45 -8.02 3.13 -19.23
N ASN A 46 -7.30 4.16 -18.84
CA ASN A 46 -6.01 4.37 -19.42
C ASN A 46 -4.89 3.48 -18.93
N CYS A 47 -5.09 2.68 -17.88
CA CYS A 47 -4.09 1.72 -17.52
C CYS A 47 -4.04 0.58 -18.53
N SER A 48 -2.84 0.08 -18.77
CA SER A 48 -2.63 -1.14 -19.63
C SER A 48 -2.96 -2.31 -18.75
N ARG A 49 -4.12 -2.91 -18.98
CA ARG A 49 -4.59 -4.07 -18.21
C ARG A 49 -4.03 -5.36 -18.87
N PRO A 50 -3.27 -6.13 -18.10
CA PRO A 50 -2.99 -7.42 -18.55
C PRO A 50 -4.30 -8.26 -18.63
N GLN A 51 -4.32 -9.19 -19.56
CA GLN A 51 -5.35 -10.16 -19.56
C GLN A 51 -5.17 -11.00 -18.23
N GLY A 52 -6.28 -11.41 -17.63
CA GLY A 52 -6.26 -12.16 -16.36
C GLY A 52 -6.08 -11.30 -15.09
N PHE A 53 -5.85 -9.99 -15.23
CA PHE A 53 -5.71 -9.08 -14.09
C PHE A 53 -6.77 -9.31 -13.03
N ASP A 54 -6.33 -9.40 -11.79
CA ASP A 54 -7.25 -9.46 -10.67
C ASP A 54 -7.46 -7.97 -10.22
N PRO A 55 -8.68 -7.45 -10.37
CA PRO A 55 -8.96 -6.09 -10.17
C PRO A 55 -9.30 -5.68 -8.79
N ASP A 56 -9.40 -6.62 -7.84
CA ASP A 56 -9.83 -6.25 -6.47
C ASP A 56 -8.72 -5.54 -5.69
N HIS A 57 -9.14 -4.54 -4.95
CA HIS A 57 -8.33 -3.68 -4.15
C HIS A 57 -9.13 -3.03 -3.01
N GLU A 58 -8.38 -2.45 -2.10
CA GLU A 58 -8.97 -1.75 -0.96
C GLU A 58 -8.39 -0.32 -0.93
N GLY A 59 -8.44 0.30 -2.09
CA GLY A 59 -8.05 1.72 -2.29
C GLY A 59 -9.30 2.60 -2.34
N HIS A 60 -9.19 3.78 -1.72
CA HIS A 60 -10.25 4.76 -1.55
C HIS A 60 -9.68 6.15 -1.66
N SER A 61 -10.00 6.81 -2.78
CA SER A 61 -9.50 8.16 -3.00
C SER A 61 -9.97 9.13 -1.91
N GLY A 62 -9.03 9.89 -1.35
CA GLY A 62 -9.26 10.92 -0.36
C GLY A 62 -9.34 10.40 1.06
N TRP A 63 -9.37 9.09 1.27
CA TRP A 63 -9.55 8.63 2.66
C TRP A 63 -8.26 8.73 3.46
N GLN A 64 -8.44 9.06 4.74
CA GLN A 64 -7.33 9.20 5.66
C GLN A 64 -7.07 7.98 6.47
N ALA A 65 -5.79 7.71 6.74
CA ALA A 65 -5.46 6.62 7.67
C ALA A 65 -6.20 6.80 9.01
N TYR A 66 -6.36 8.02 9.50
CA TYR A 66 -7.03 8.27 10.76
C TYR A 66 -8.41 7.62 10.81
N ASP A 67 -9.17 7.84 9.71
CA ASP A 67 -10.51 7.32 9.58
C ASP A 67 -10.56 5.87 9.29
N ILE A 68 -9.71 5.41 8.37
CA ILE A 68 -9.69 3.99 8.05
C ILE A 68 -9.37 3.14 9.30
N ALA A 69 -8.40 3.64 10.08
CA ALA A 69 -7.99 2.90 11.28
C ALA A 69 -9.20 2.69 12.25
N ARG A 70 -10.00 3.76 12.38
CA ARG A 70 -11.02 3.87 13.40
C ARG A 70 -12.33 3.31 12.95
N ASN A 71 -12.64 3.39 11.65
CA ASN A 71 -13.97 3.02 11.13
C ASN A 71 -13.99 1.80 10.24
N ASN A 72 -12.93 1.58 9.44
CA ASN A 72 -13.07 0.65 8.32
C ASN A 72 -12.27 -0.65 8.30
N ILE A 73 -11.07 -0.54 8.80
CA ILE A 73 -10.08 -1.64 8.60
C ILE A 73 -10.58 -2.92 9.15
N ALA A 74 -11.18 -2.89 10.35
CA ALA A 74 -11.57 -4.22 10.95
C ALA A 74 -12.58 -4.94 10.11
N GLY A 75 -13.56 -4.20 9.58
CA GLY A 75 -14.53 -4.74 8.67
C GLY A 75 -13.92 -5.36 7.42
N TRP A 76 -12.99 -4.63 6.87
CA TRP A 76 -12.37 -5.04 5.60
C TRP A 76 -11.58 -6.30 5.75
N VAL A 77 -10.84 -6.41 6.86
CA VAL A 77 -9.98 -7.60 7.09
C VAL A 77 -10.76 -8.81 7.65
N GLN A 78 -11.80 -8.49 8.41
CA GLN A 78 -12.69 -9.49 8.84
C GLN A 78 -13.41 -10.16 7.64
N ASN A 79 -13.81 -9.35 6.65
CA ASN A 79 -14.52 -9.83 5.46
C ASN A 79 -13.64 -10.68 4.53
N THR A 80 -12.35 -10.42 4.48
CA THR A 80 -11.48 -11.04 3.53
C THR A 80 -10.38 -11.87 4.11
N LYS A 81 -9.99 -11.70 5.35
CA LYS A 81 -8.94 -12.52 6.03
C LYS A 81 -7.68 -12.60 5.16
N PRO A 82 -7.12 -11.44 4.75
CA PRO A 82 -5.96 -11.51 3.89
C PRO A 82 -4.78 -12.17 4.60
N ASP A 83 -3.98 -12.89 3.81
CA ASP A 83 -2.69 -13.38 4.25
C ASP A 83 -1.60 -12.32 4.27
N ILE A 84 -1.74 -11.34 3.37
CA ILE A 84 -0.78 -10.24 3.16
C ILE A 84 -1.54 -8.98 2.95
N VAL A 85 -1.01 -7.92 3.57
CA VAL A 85 -1.60 -6.60 3.40
C VAL A 85 -0.47 -5.66 3.02
N GLN A 86 -0.67 -4.98 1.94
CA GLN A 86 0.30 -3.93 1.43
C GLN A 86 -0.45 -2.63 1.52
N PHE A 87 0.16 -1.57 2.08
CA PHE A 87 -0.53 -0.28 2.10
C PHE A 87 0.39 0.91 1.93
N MET A 88 -0.20 1.96 1.32
CA MET A 88 0.32 3.29 1.40
C MET A 88 -0.83 4.21 1.81
N LEU A 89 -0.66 4.87 2.96
CA LEU A 89 -1.66 5.83 3.43
C LEU A 89 -1.02 6.94 4.21
N GLY A 90 -1.72 8.07 4.33
CA GLY A 90 -1.11 9.18 5.01
C GLY A 90 -1.12 10.48 4.21
N THR A 91 -1.14 10.34 2.89
CA THR A 91 -1.15 11.55 2.08
C THR A 91 -2.36 12.44 2.39
N ASN A 92 -3.52 11.85 2.56
CA ASN A 92 -4.72 12.66 2.84
C ASN A 92 -4.78 13.10 4.26
N ASP A 93 -4.16 12.34 5.19
CA ASP A 93 -4.06 12.78 6.60
C ASP A 93 -3.40 14.13 6.63
N VAL A 94 -2.39 14.30 5.82
CA VAL A 94 -1.69 15.57 5.75
C VAL A 94 -2.48 16.59 4.94
N ASN A 95 -2.73 16.27 3.68
CA ASN A 95 -3.24 17.33 2.76
C ASN A 95 -4.67 17.75 3.07
N ILE A 96 -5.50 16.79 3.50
CA ILE A 96 -6.89 17.01 3.89
C ILE A 96 -7.07 17.22 5.39
N GLY A 97 -6.56 16.30 6.20
CA GLY A 97 -6.83 16.35 7.63
C GLY A 97 -5.93 17.33 8.28
N HIS A 98 -4.82 17.77 7.64
CA HIS A 98 -3.79 18.51 8.37
C HIS A 98 -3.30 17.86 9.68
N ARG A 99 -3.13 16.53 9.67
CA ARG A 99 -2.61 15.78 10.80
C ARG A 99 -1.11 15.65 10.76
N ASN A 100 -0.53 15.51 11.94
CA ASN A 100 0.86 15.36 12.05
C ASN A 100 1.37 13.91 11.93
N ALA A 101 2.71 13.77 11.97
CA ALA A 101 3.33 12.47 11.80
C ALA A 101 2.98 11.57 12.96
N ASP A 102 2.93 12.12 14.17
CA ASP A 102 2.60 11.25 15.32
C ASP A 102 1.21 10.64 15.13
N SER A 103 0.24 11.47 14.66
CA SER A 103 -1.10 10.98 14.38
C SER A 103 -1.08 9.81 13.40
N ILE A 104 -0.38 10.06 12.29
CA ILE A 104 -0.36 9.06 11.19
C ILE A 104 0.28 7.75 11.65
N ILE A 105 1.44 7.78 12.32
CA ILE A 105 2.04 6.54 12.85
C ILE A 105 1.12 5.86 13.91
N GLY A 106 0.45 6.63 14.76
CA GLY A 106 -0.58 6.08 15.60
C GLY A 106 -1.71 5.38 14.86
N SER A 107 -2.17 6.00 13.75
CA SER A 107 -3.15 5.33 12.97
C SER A 107 -2.64 4.04 12.31
N TYR A 108 -1.40 4.06 11.87
CA TYR A 108 -0.77 2.83 11.47
C TYR A 108 -0.87 1.72 12.52
N THR A 109 -0.51 2.07 13.74
CA THR A 109 -0.55 1.10 14.80
C THR A 109 -1.96 0.51 14.95
N ILE A 110 -2.98 1.36 14.94
CA ILE A 110 -4.33 0.87 15.11
C ILE A 110 -4.71 -0.06 13.93
N MET A 111 -4.37 0.34 12.70
CA MET A 111 -4.62 -0.57 11.54
C MET A 111 -3.93 -1.87 11.65
N LEU A 112 -2.65 -1.87 11.99
CA LEU A 112 -1.96 -3.14 12.12
C LEU A 112 -2.50 -3.99 13.24
N ASN A 113 -2.89 -3.35 14.30
CA ASN A 113 -3.52 -4.14 15.38
C ASN A 113 -4.77 -4.88 14.81
N ALA A 114 -5.59 -4.21 13.98
CA ALA A 114 -6.81 -4.81 13.44
C ALA A 114 -6.49 -5.91 12.47
N MET A 115 -5.43 -5.70 11.69
CA MET A 115 -5.02 -6.74 10.69
C MET A 115 -4.65 -8.00 11.46
N ARG A 116 -3.94 -7.82 12.52
CA ARG A 116 -3.48 -9.00 13.33
C ARG A 116 -4.58 -9.70 14.12
N ALA A 117 -5.57 -8.93 14.52
CA ALA A 117 -6.70 -9.46 15.25
C ALA A 117 -7.48 -10.32 14.25
N ALA A 118 -7.58 -9.94 12.99
CA ALA A 118 -8.22 -10.80 12.02
C ALA A 118 -7.38 -12.04 11.63
N ASN A 119 -6.06 -11.87 11.64
CA ASN A 119 -5.12 -12.85 11.20
C ASN A 119 -3.81 -12.66 11.89
N PRO A 120 -3.49 -13.47 12.90
CA PRO A 120 -2.26 -13.14 13.68
C PRO A 120 -0.95 -13.41 12.90
N ARG A 121 -1.09 -14.17 11.80
CA ARG A 121 0.00 -14.51 10.84
C ARG A 121 0.11 -13.57 9.63
N VAL A 122 -0.64 -12.47 9.63
CA VAL A 122 -0.61 -11.60 8.47
C VAL A 122 0.79 -11.04 8.25
N LYS A 123 1.14 -10.90 6.96
CA LYS A 123 2.42 -10.34 6.55
C LYS A 123 2.04 -9.05 5.96
N VAL A 124 2.81 -8.02 6.30
CA VAL A 124 2.42 -6.64 5.94
C VAL A 124 3.58 -5.94 5.26
N ILE A 125 3.23 -5.21 4.19
CA ILE A 125 4.12 -4.26 3.57
C ILE A 125 3.61 -2.88 3.90
N VAL A 126 4.46 -2.05 4.54
CA VAL A 126 4.15 -0.62 4.70
C VAL A 126 5.02 0.11 3.66
N ASP A 127 4.38 0.97 2.86
CA ASP A 127 5.12 1.78 1.92
C ASP A 127 5.55 3.08 2.55
N LYS A 128 6.83 3.44 2.41
CA LYS A 128 7.19 4.82 2.60
C LYS A 128 6.45 5.56 1.45
N ILE A 129 5.86 6.69 1.85
CA ILE A 129 4.93 7.46 1.03
C ILE A 129 5.64 8.29 -0.02
N ILE A 130 5.07 8.25 -1.22
CA ILE A 130 5.61 9.11 -2.28
C ILE A 130 5.59 10.59 -1.87
N PRO A 131 6.59 11.35 -2.33
CA PRO A 131 6.55 12.74 -2.04
C PRO A 131 5.44 13.48 -2.77
N THR A 132 5.02 14.66 -2.25
CA THR A 132 4.28 15.61 -3.06
C THR A 132 5.30 16.46 -3.85
N SER A 133 4.84 17.09 -4.93
CA SER A 133 5.77 17.88 -5.73
C SER A 133 6.45 18.96 -4.91
N TRP A 134 5.78 19.44 -3.86
CA TRP A 134 6.29 20.49 -2.98
C TRP A 134 7.06 19.95 -1.74
N SER A 135 7.30 18.64 -1.72
CA SER A 135 8.20 18.01 -0.71
C SER A 135 7.62 18.29 0.66
N ASP A 136 6.32 18.02 0.79
CA ASP A 136 5.61 18.19 2.08
C ASP A 136 6.41 17.60 3.23
N ALA A 137 6.72 18.43 4.24
CA ALA A 137 7.60 17.95 5.35
C ALA A 137 6.92 17.01 6.30
N THR A 138 5.60 17.02 6.42
CA THR A 138 4.97 16.02 7.35
C THR A 138 4.98 14.62 6.71
N ILE A 139 4.81 14.54 5.40
CA ILE A 139 5.02 13.27 4.72
C ILE A 139 6.43 12.77 4.96
N GLU A 140 7.42 13.66 4.83
CA GLU A 140 8.81 13.17 5.07
C GLU A 140 9.02 12.77 6.48
N ALA A 141 8.33 13.47 7.40
CA ALA A 141 8.48 13.07 8.84
C ALA A 141 7.89 11.71 9.08
N VAL A 142 6.76 11.40 8.44
CA VAL A 142 6.22 10.00 8.51
C VAL A 142 7.26 9.02 7.95
N ASN A 143 7.88 9.40 6.81
CA ASN A 143 8.85 8.46 6.22
C ASN A 143 10.06 8.18 7.12
N THR A 144 10.55 9.22 7.79
CA THR A 144 11.65 9.11 8.73
C THR A 144 11.26 8.26 9.94
N ALA A 145 10.01 8.31 10.30
CA ALA A 145 9.45 7.45 11.40
C ALA A 145 9.15 6.03 11.12
N ILE A 146 8.90 5.70 9.85
CA ILE A 146 8.45 4.34 9.48
C ILE A 146 9.45 3.31 9.93
N PRO A 147 10.75 3.50 9.74
CA PRO A 147 11.64 2.42 10.13
C PRO A 147 11.59 2.09 11.63
N GLY A 148 11.52 3.11 12.47
CA GLY A 148 11.33 2.82 13.92
C GLY A 148 10.03 2.12 14.30
N TRP A 149 8.98 2.53 13.62
CA TRP A 149 7.69 1.89 13.79
C TRP A 149 7.76 0.43 13.42
N VAL A 150 8.34 0.16 12.25
CA VAL A 150 8.53 -1.23 11.85
C VAL A 150 9.35 -2.07 12.88
N GLN A 151 10.42 -1.48 13.35
CA GLN A 151 11.35 -2.12 14.36
C GLN A 151 10.49 -2.46 15.64
N GLN A 152 9.63 -1.50 16.05
CA GLN A 152 8.72 -1.72 17.16
C GLN A 152 7.65 -2.78 16.94
N GLN A 153 7.18 -2.95 15.70
CA GLN A 153 6.02 -3.72 15.40
C GLN A 153 6.19 -5.11 14.77
N THR A 154 7.23 -5.25 13.96
CA THR A 154 7.46 -6.51 13.22
C THR A 154 7.79 -7.69 14.14
N THR A 155 7.26 -8.86 13.82
CA THR A 155 7.51 -10.10 14.52
C THR A 155 7.72 -11.26 13.53
N ALA A 156 8.25 -12.36 14.05
CA ALA A 156 8.50 -13.49 13.20
C ALA A 156 7.12 -14.04 12.77
N GLU A 157 6.11 -14.03 13.64
CA GLU A 157 4.77 -14.55 13.28
C GLU A 157 4.12 -13.69 12.24
N SER A 158 4.37 -12.40 12.37
CA SER A 158 3.66 -11.34 11.53
C SER A 158 4.69 -10.30 11.15
N PRO A 159 5.45 -10.62 10.10
CA PRO A 159 6.50 -9.66 9.65
C PRO A 159 5.89 -8.46 8.97
N VAL A 160 6.55 -7.34 9.19
CA VAL A 160 6.22 -6.06 8.61
C VAL A 160 7.51 -5.60 7.87
N VAL A 161 7.38 -5.41 6.55
CA VAL A 161 8.49 -5.00 5.69
C VAL A 161 8.16 -3.73 4.99
N ILE A 162 9.18 -3.03 4.59
CA ILE A 162 8.98 -1.69 4.01
C ILE A 162 9.20 -1.73 2.46
N ALA A 163 8.31 -1.21 1.69
CA ALA A 163 8.54 -0.94 0.27
C ALA A 163 8.78 0.57 0.14
N ASP A 164 10.05 0.91 -0.06
CA ASP A 164 10.42 2.31 0.06
C ASP A 164 10.11 3.07 -1.25
N CYS A 165 9.02 3.82 -1.26
CA CYS A 165 8.56 4.57 -2.46
C CYS A 165 8.83 6.03 -2.33
N SER A 166 9.73 6.33 -1.39
CA SER A 166 10.05 7.76 -0.96
C SER A 166 10.97 8.52 -1.94
N ARG A 167 11.06 9.86 -1.75
CA ARG A 167 12.07 10.69 -2.34
C ARG A 167 13.47 10.10 -2.24
N ALA A 168 13.79 9.56 -1.06
CA ALA A 168 15.10 9.10 -0.78
C ALA A 168 15.40 7.84 -1.56
N ALA A 169 14.42 7.05 -1.92
CA ALA A 169 14.58 5.83 -2.72
C ALA A 169 14.56 6.07 -4.26
N GLY A 170 14.33 7.31 -4.69
CA GLY A 170 14.36 7.72 -6.07
C GLY A 170 13.09 8.28 -6.64
N PHE A 171 12.04 8.51 -5.84
CA PHE A 171 10.83 9.11 -6.37
C PHE A 171 11.08 10.59 -6.73
N THR A 172 10.97 11.00 -8.03
CA THR A 172 11.33 12.34 -8.48
C THR A 172 10.01 13.06 -8.81
N ASN A 173 10.02 14.38 -8.91
CA ASN A 173 8.86 15.05 -9.40
C ASN A 173 8.45 14.75 -10.81
N ASP A 174 9.39 14.27 -11.61
CA ASP A 174 9.10 13.88 -13.01
C ASP A 174 8.16 12.69 -13.03
N MET A 175 8.02 12.01 -11.86
CA MET A 175 7.12 10.88 -11.69
C MET A 175 5.72 11.21 -11.17
N LEU A 176 5.42 12.51 -11.06
CA LEU A 176 4.13 12.97 -10.58
C LEU A 176 3.30 13.50 -11.78
N ARG A 177 1.99 13.34 -11.70
CA ARG A 177 1.03 14.11 -12.56
C ARG A 177 1.11 15.61 -12.27
N ASP A 178 0.45 16.39 -13.14
CA ASP A 178 0.43 17.85 -12.93
C ASP A 178 -0.21 18.28 -11.62
N ASP A 179 -0.97 17.44 -10.92
CA ASP A 179 -1.50 17.83 -9.57
C ASP A 179 -0.47 17.74 -8.42
N GLY A 180 0.71 17.18 -8.66
CA GLY A 180 1.77 17.16 -7.73
C GLY A 180 1.57 16.16 -6.67
N VAL A 181 0.62 15.25 -6.86
CA VAL A 181 0.28 14.26 -5.78
C VAL A 181 0.27 12.84 -6.33
N HIS A 182 -0.35 12.62 -7.50
CA HIS A 182 -0.43 11.24 -7.99
C HIS A 182 0.69 10.87 -8.93
N PRO A 183 1.11 9.61 -8.88
CA PRO A 183 2.14 9.15 -9.87
C PRO A 183 1.56 9.15 -11.29
N ASN A 184 2.48 9.44 -12.23
CA ASN A 184 2.17 9.32 -13.65
C ASN A 184 2.69 7.93 -14.01
N SER A 185 2.83 7.62 -15.30
CA SER A 185 3.27 6.27 -15.74
C SER A 185 4.66 5.95 -15.19
N LYS A 186 5.55 6.95 -15.18
CA LYS A 186 6.89 6.75 -14.65
C LYS A 186 6.80 6.45 -13.14
N GLY A 187 5.96 7.18 -12.42
CA GLY A 187 5.86 6.90 -11.00
C GLY A 187 5.22 5.57 -10.72
N ASP A 188 4.24 5.19 -11.51
CA ASP A 188 3.69 3.79 -11.37
C ASP A 188 4.71 2.68 -11.57
N GLN A 189 5.59 2.88 -12.59
CA GLN A 189 6.68 1.88 -12.81
C GLN A 189 7.59 1.80 -11.61
N PHE A 190 7.93 2.98 -11.05
CA PHE A 190 8.79 3.02 -9.87
C PHE A 190 8.17 2.29 -8.64
N ILE A 191 6.89 2.68 -8.37
CA ILE A 191 6.10 2.08 -7.31
C ILE A 191 6.06 0.57 -7.47
N ALA A 192 5.64 0.11 -8.64
CA ALA A 192 5.59 -1.33 -8.89
C ALA A 192 6.91 -1.97 -8.71
N GLY A 193 8.03 -1.27 -8.99
CA GLY A 193 9.29 -1.92 -8.80
C GLY A 193 9.74 -2.05 -7.41
N GLN A 194 9.21 -1.17 -6.55
CA GLN A 194 9.52 -1.25 -5.11
C GLN A 194 8.62 -2.28 -4.38
N ILE A 195 7.34 -2.34 -4.77
CA ILE A 195 6.38 -3.19 -4.07
C ILE A 195 6.50 -4.61 -4.56
N GLY A 196 6.54 -4.78 -5.88
CA GLY A 196 6.33 -6.10 -6.48
C GLY A 196 7.30 -7.12 -6.00
N PRO A 197 8.60 -6.78 -5.91
CA PRO A 197 9.52 -7.86 -5.40
C PRO A 197 9.32 -8.27 -3.93
N LYS A 198 9.01 -7.29 -3.09
CA LYS A 198 8.73 -7.59 -1.64
C LYS A 198 7.44 -8.42 -1.52
N LEU A 199 6.46 -8.12 -2.37
CA LEU A 199 5.19 -8.83 -2.32
C LEU A 199 5.37 -10.23 -2.80
N ILE A 200 6.13 -10.40 -3.90
CA ILE A 200 6.45 -11.79 -4.41
C ILE A 200 7.18 -12.64 -3.32
N GLN A 201 8.12 -12.03 -2.60
CA GLN A 201 8.83 -12.78 -1.58
C GLN A 201 7.86 -13.19 -0.49
N LEU A 202 6.99 -12.28 -0.06
CA LEU A 202 6.01 -12.67 0.94
C LEU A 202 5.04 -13.74 0.49
N ILE A 203 4.59 -13.66 -0.74
CA ILE A 203 3.70 -14.67 -1.31
C ILE A 203 4.33 -16.06 -1.18
N LYS A 204 5.59 -16.12 -1.57
CA LYS A 204 6.34 -17.36 -1.51
C LYS A 204 6.46 -17.88 -0.11
N ASP A 205 6.54 -16.99 0.88
CA ASP A 205 6.66 -17.37 2.28
C ASP A 205 5.36 -17.95 2.88
N VAL A 206 4.21 -17.64 2.30
CA VAL A 206 2.95 -18.10 2.83
C VAL A 206 2.73 -19.57 2.67
N SER A 207 2.44 -20.14 3.83
CA SER A 207 2.32 -21.58 4.06
C SER A 207 0.91 -22.06 3.74
#